data_4OSX
#
_entry.id   4OSX
#
_cell.length_a   59.940
_cell.length_b   59.940
_cell.length_c   301.100
_cell.angle_alpha   90.00
_cell.angle_beta   90.00
_cell.angle_gamma   120.00
#
_symmetry.space_group_name_H-M   'P 65'
#
loop_
_entity.id
_entity.type
_entity.pdbx_description
1 polymer 'Isoaspartyl peptidase/L-asparaginase'
2 non-polymer 'SODIUM ION'
3 non-polymer GLYCINE
4 water water
#
_entity_poly.entity_id   1
_entity_poly.type   'polypeptide(L)'
_entity_poly.pdbx_seq_one_letter_code
;HMNPIVVVHGGGAGPISKDRKERVHQGMVRAATVGYGILREGGSAVDAVEGAVVALEDDPEFNAGCGSVLNTNGEVEMDA
SIMDGKDLSAGAVSAVQCIANPIKLARLVMEKTPHCFLTDQGAAQFAAAMGVPEIPGEKLVTERNKKRLEKEKHEKGAQK
TDCQKNLGTVGAVALDCKGNVAYATSTGGIVNKMVGRVGDSPCLGAGGYADNDIGAVSTTGHGESILKVNLARLTLFHIE
QGKTVEEAADLSLGYMKSRVKGLGGLIVVSKTGDWVAKWTSTSMPWAAAKDGKLHFGIDPDDTTITDLP
;
_entity_poly.pdbx_strand_id   A,B
#
loop_
_chem_comp.id
_chem_comp.type
_chem_comp.name
_chem_comp.formula
NA non-polymer 'SODIUM ION' 'Na 1'
#
# COMPACT_ATOMS: atom_id res chain seq x y z
N HIS A 1 6.66 24.07 -23.52
CA HIS A 1 6.38 23.84 -22.06
C HIS A 1 4.91 24.03 -21.70
N MET A 2 4.50 23.53 -20.54
CA MET A 2 3.09 23.49 -20.10
C MET A 2 2.72 24.59 -19.09
N ASN A 3 1.47 25.02 -19.12
CA ASN A 3 0.91 25.88 -18.07
C ASN A 3 0.77 25.08 -16.78
N PRO A 4 1.35 25.57 -15.67
CA PRO A 4 1.30 24.82 -14.40
C PRO A 4 -0.11 24.70 -13.85
N ILE A 5 -0.35 23.69 -13.02
CA ILE A 5 -1.61 23.57 -12.32
C ILE A 5 -1.39 23.06 -10.89
N VAL A 6 -2.20 23.53 -9.96
CA VAL A 6 -2.25 22.88 -8.66
C VAL A 6 -3.68 22.71 -8.18
N VAL A 7 -3.99 21.47 -7.82
CA VAL A 7 -5.24 21.14 -7.18
C VAL A 7 -4.92 20.65 -5.78
N VAL A 8 -5.74 21.05 -4.82
CA VAL A 8 -5.62 20.64 -3.44
CA VAL A 8 -5.60 20.65 -3.44
C VAL A 8 -6.99 20.23 -2.95
N HIS A 9 -7.05 19.50 -1.82
CA HIS A 9 -8.34 19.10 -1.25
C HIS A 9 -8.34 18.89 0.25
N GLY A 10 -9.51 19.06 0.85
CA GLY A 10 -9.74 18.73 2.25
C GLY A 10 -10.52 17.44 2.36
N GLY A 11 -11.26 17.29 3.46
CA GLY A 11 -11.98 16.04 3.77
C GLY A 11 -13.06 15.66 2.77
N GLY A 12 -13.07 14.38 2.39
CA GLY A 12 -14.11 13.83 1.52
C GLY A 12 -15.14 13.12 2.35
N ALA A 13 -16.07 13.88 2.92
CA ALA A 13 -17.05 13.34 3.86
C ALA A 13 -18.30 14.21 4.00
N GLY A 14 -18.78 14.38 5.23
CA GLY A 14 -20.03 15.07 5.55
C GLY A 14 -20.02 16.57 5.30
N PRO A 15 -21.19 17.22 5.46
CA PRO A 15 -21.36 18.68 5.32
C PRO A 15 -20.53 19.49 6.32
N ILE A 16 -20.02 20.64 5.87
CA ILE A 16 -19.28 21.55 6.75
C ILE A 16 -20.24 22.55 7.37
N SER A 17 -20.19 22.70 8.70
CA SER A 17 -21.10 23.62 9.39
C SER A 17 -20.79 25.06 9.05
N LYS A 18 -21.84 25.89 9.01
CA LYS A 18 -21.72 27.32 8.74
C LYS A 18 -20.47 27.90 9.41
N ASP A 19 -20.32 27.55 10.68
CA ASP A 19 -19.21 28.03 11.53
C ASP A 19 -17.86 28.01 10.83
N ARG A 20 -17.41 26.81 10.49
CA ARG A 20 -16.03 26.54 10.06
C ARG A 20 -15.80 26.85 8.60
N LYS A 21 -16.88 27.15 7.87
CA LYS A 21 -16.84 27.29 6.42
C LYS A 21 -15.99 28.45 5.92
N GLU A 22 -15.82 29.48 6.74
CA GLU A 22 -14.92 30.55 6.37
C GLU A 22 -13.45 30.13 6.55
N ARG A 23 -13.16 29.44 7.65
CA ARG A 23 -11.81 28.93 7.89
C ARG A 23 -11.39 27.89 6.84
N VAL A 24 -12.31 26.99 6.49
CA VAL A 24 -12.08 25.98 5.44
C VAL A 24 -11.74 26.66 4.11
N HIS A 25 -12.61 27.56 3.68
CA HIS A 25 -12.38 28.34 2.45
C HIS A 25 -11.00 29.00 2.44
N GLN A 26 -10.64 29.67 3.53
CA GLN A 26 -9.36 30.36 3.69
C GLN A 26 -8.16 29.42 3.58
N GLY A 27 -8.25 28.25 4.21
CA GLY A 27 -7.18 27.26 4.21
C GLY A 27 -6.86 26.61 2.88
N MET A 28 -7.88 26.29 2.10
CA MET A 28 -7.68 25.77 0.73
C MET A 28 -7.00 26.82 -0.15
N VAL A 29 -7.40 28.08 0.00
CA VAL A 29 -6.83 29.17 -0.82
C VAL A 29 -5.36 29.37 -0.48
N ARG A 30 -5.03 29.50 0.81
CA ARG A 30 -3.62 29.59 1.26
C ARG A 30 -2.79 28.41 0.75
N ALA A 31 -3.41 27.23 0.76
CA ALA A 31 -2.80 26.00 0.32
C ALA A 31 -2.42 26.05 -1.15
N ALA A 32 -3.40 26.34 -2.01
CA ALA A 32 -3.19 26.40 -3.45
C ALA A 32 -2.28 27.57 -3.85
N THR A 33 -2.41 28.71 -3.17
CA THR A 33 -1.54 29.89 -3.45
C THR A 33 -0.05 29.59 -3.15
N VAL A 34 0.24 28.89 -2.05
CA VAL A 34 1.59 28.39 -1.80
C VAL A 34 2.07 27.50 -2.97
N GLY A 35 1.20 26.61 -3.46
CA GLY A 35 1.59 25.65 -4.49
C GLY A 35 1.92 26.31 -5.82
N TYR A 36 0.98 27.15 -6.28
CA TYR A 36 1.08 27.89 -7.54
C TYR A 36 2.31 28.78 -7.51
N GLY A 37 2.56 29.39 -6.36
CA GLY A 37 3.76 30.19 -6.11
C GLY A 37 5.08 29.50 -6.47
N ILE A 38 5.34 28.34 -5.87
CA ILE A 38 6.47 27.50 -6.30
C ILE A 38 6.42 27.26 -7.83
N LEU A 39 5.23 27.01 -8.37
CA LEU A 39 5.07 26.82 -9.81
C LEU A 39 5.20 28.14 -10.63
N ARG A 40 4.80 29.28 -10.06
CA ARG A 40 4.94 30.57 -10.75
C ARG A 40 6.42 30.90 -10.96
N GLU A 41 7.25 30.42 -10.04
CA GLU A 41 8.64 30.84 -9.97
C GLU A 41 9.60 29.81 -10.60
N GLY A 42 9.05 28.76 -11.19
CA GLY A 42 9.86 27.77 -11.93
C GLY A 42 10.06 26.44 -11.22
N GLY A 43 9.53 26.34 -10.01
CA GLY A 43 9.76 25.16 -9.14
C GLY A 43 9.20 23.82 -9.60
N SER A 44 9.46 22.79 -8.82
CA SER A 44 9.05 21.43 -9.18
C SER A 44 7.62 21.10 -8.77
N ALA A 45 7.05 20.10 -9.44
CA ALA A 45 5.76 19.54 -9.09
C ALA A 45 5.75 19.00 -7.65
N VAL A 46 6.82 18.29 -7.29
CA VAL A 46 6.94 17.77 -5.93
C VAL A 46 7.03 18.89 -4.87
N ASP A 47 7.81 19.95 -5.15
CA ASP A 47 7.96 21.03 -4.17
C ASP A 47 6.59 21.72 -4.01
N ALA A 48 5.83 21.79 -5.11
CA ALA A 48 4.51 22.43 -5.10
C ALA A 48 3.49 21.67 -4.25
N VAL A 49 3.51 20.34 -4.34
CA VAL A 49 2.61 19.51 -3.54
C VAL A 49 3.11 19.38 -2.11
N GLU A 50 4.44 19.32 -1.90
CA GLU A 50 5.00 19.31 -0.56
C GLU A 50 4.59 20.65 0.09
N GLY A 51 4.90 21.75 -0.59
CA GLY A 51 4.38 23.09 -0.23
C GLY A 51 2.93 23.13 0.29
N ALA A 52 1.96 22.80 -0.56
CA ALA A 52 0.52 22.98 -0.25
C ALA A 52 0.03 22.17 0.96
N VAL A 53 0.45 20.91 1.02
CA VAL A 53 0.14 20.00 2.14
C VAL A 53 0.79 20.43 3.46
N VAL A 54 1.89 21.21 3.39
CA VAL A 54 2.56 21.71 4.59
C VAL A 54 1.74 22.82 5.23
N ALA A 55 1.19 23.68 4.38
CA ALA A 55 0.31 24.74 4.83
C ALA A 55 -0.90 24.11 5.54
N LEU A 56 -1.55 23.18 4.85
CA LEU A 56 -2.69 22.46 5.43
C LEU A 56 -2.34 21.69 6.69
N GLU A 57 -1.15 21.07 6.73
CA GLU A 57 -0.72 20.38 7.93
C GLU A 57 -0.66 21.31 9.13
N ASP A 58 -0.15 22.52 8.93
CA ASP A 58 0.03 23.45 10.05
C ASP A 58 -1.29 24.09 10.51
N ASP A 59 -2.23 24.23 9.58
CA ASP A 59 -3.58 24.75 9.85
C ASP A 59 -4.43 23.81 10.76
N PRO A 60 -4.75 24.25 12.01
CA PRO A 60 -5.46 23.35 12.96
C PRO A 60 -6.79 22.79 12.44
N GLU A 61 -7.36 23.44 11.43
CA GLU A 61 -8.66 23.09 10.90
C GLU A 61 -8.63 21.83 10.04
N PHE A 62 -7.44 21.43 9.59
CA PHE A 62 -7.33 20.23 8.77
C PHE A 62 -6.77 19.03 9.48
N ASN A 63 -7.41 17.89 9.23
CA ASN A 63 -7.09 16.61 9.83
C ASN A 63 -5.75 16.08 9.31
N ALA A 64 -4.69 16.87 9.49
CA ALA A 64 -3.28 16.50 9.22
C ALA A 64 -2.34 17.37 10.07
N GLY A 65 -1.16 16.83 10.42
CA GLY A 65 -0.29 17.45 11.41
C GLY A 65 -1.04 17.98 12.63
N CYS A 66 -0.91 19.28 12.91
CA CYS A 66 -1.70 19.91 13.98
C CYS A 66 -3.19 19.90 13.63
N GLY A 67 -4.00 19.35 14.53
CA GLY A 67 -5.44 19.23 14.29
C GLY A 67 -5.87 17.88 13.75
N SER A 68 -4.90 16.97 13.60
CA SER A 68 -5.18 15.56 13.30
C SER A 68 -6.09 14.98 14.39
N VAL A 69 -6.98 14.06 14.02
CA VAL A 69 -7.92 13.46 14.99
C VAL A 69 -7.23 12.50 15.96
N LEU A 70 -7.91 12.13 17.04
CA LEU A 70 -7.29 11.30 18.07
C LEU A 70 -7.52 9.80 17.84
N ASN A 71 -6.52 8.99 18.21
CA ASN A 71 -6.71 7.54 18.24
C ASN A 71 -7.46 7.15 19.53
N THR A 72 -7.41 5.88 19.90
CA THR A 72 -8.23 5.41 21.02
C THR A 72 -7.64 5.85 22.36
N ASN A 73 -6.32 6.03 22.41
CA ASN A 73 -5.61 6.55 23.58
C ASN A 73 -5.67 8.07 23.72
N GLY A 74 -6.29 8.73 22.75
CA GLY A 74 -6.30 10.18 22.70
C GLY A 74 -4.95 10.68 22.25
N GLU A 75 -4.36 9.99 21.28
CA GLU A 75 -3.04 10.34 20.76
C GLU A 75 -3.07 10.55 19.25
N VAL A 76 -2.33 11.56 18.79
CA VAL A 76 -2.27 11.88 17.38
C VAL A 76 -1.29 10.91 16.68
N GLU A 77 -1.79 10.20 15.66
CA GLU A 77 -0.99 9.24 14.86
C GLU A 77 -1.19 9.50 13.36
N MET A 78 -0.12 9.93 12.69
CA MET A 78 -0.24 10.48 11.33
C MET A 78 0.45 9.65 10.26
N ASP A 79 -0.05 9.73 9.02
CA ASP A 79 0.56 9.04 7.87
C ASP A 79 0.55 9.97 6.66
N ALA A 80 1.47 9.77 5.73
CA ALA A 80 1.53 10.63 4.54
C ALA A 80 2.38 10.01 3.46
N SER A 81 2.16 10.41 2.21
CA SER A 81 2.99 9.93 1.10
C SER A 81 3.17 10.96 0.00
N ILE A 82 4.33 10.88 -0.64
CA ILE A 82 4.66 11.70 -1.79
C ILE A 82 5.20 10.81 -2.94
N MET A 83 5.00 11.26 -4.18
CA MET A 83 5.50 10.55 -5.36
C MET A 83 5.76 11.46 -6.57
N ASP A 84 6.87 11.20 -7.25
CA ASP A 84 7.26 11.95 -8.44
C ASP A 84 7.16 11.07 -9.69
N GLY A 85 6.29 11.49 -10.62
CA GLY A 85 5.96 10.71 -11.83
C GLY A 85 7.04 10.46 -12.88
N LYS A 86 8.18 11.15 -12.76
CA LYS A 86 9.27 11.03 -13.74
C LYS A 86 9.76 9.57 -13.83
N ASP A 87 10.26 9.07 -12.70
CA ASP A 87 10.74 7.70 -12.52
C ASP A 87 9.93 6.98 -11.42
N LEU A 88 8.83 7.58 -11.01
CA LEU A 88 7.98 7.07 -9.92
C LEU A 88 8.64 7.02 -8.52
N SER A 89 9.51 7.98 -8.19
CA SER A 89 10.13 7.99 -6.84
C SER A 89 9.07 8.34 -5.82
N ALA A 90 9.12 7.71 -4.66
CA ALA A 90 8.03 7.74 -3.70
C ALA A 90 8.52 7.73 -2.26
N GLY A 91 7.71 8.31 -1.36
CA GLY A 91 8.04 8.36 0.06
C GLY A 91 6.83 8.28 0.95
N ALA A 92 6.88 7.44 1.97
CA ALA A 92 5.75 7.38 2.90
C ALA A 92 6.10 7.03 4.32
N VAL A 93 5.22 7.43 5.22
CA VAL A 93 5.34 7.14 6.64
C VAL A 93 3.98 6.81 7.24
N SER A 94 3.92 5.81 8.13
CA SER A 94 2.68 5.54 8.88
C SER A 94 2.82 5.70 10.39
N ALA A 95 1.70 6.05 11.04
CA ALA A 95 1.60 6.15 12.49
C ALA A 95 2.83 6.86 13.08
N VAL A 96 3.17 8.00 12.48
CA VAL A 96 4.25 8.82 12.99
C VAL A 96 3.73 9.71 14.10
N GLN A 97 4.56 9.88 15.13
CA GLN A 97 4.20 10.66 16.31
C GLN A 97 5.13 11.84 16.58
N CYS A 98 4.59 12.85 17.25
CA CYS A 98 5.36 13.98 17.80
C CYS A 98 6.17 14.81 16.78
N ILE A 99 5.59 15.03 15.60
CA ILE A 99 6.19 15.95 14.62
C ILE A 99 5.15 16.78 13.84
N ALA A 100 5.50 18.03 13.58
CA ALA A 100 4.62 18.96 12.88
C ALA A 100 4.30 18.52 11.45
N ASN A 101 5.28 18.04 10.68
CA ASN A 101 5.02 17.78 9.26
C ASN A 101 5.47 16.41 8.71
N PRO A 102 4.57 15.40 8.78
CA PRO A 102 4.90 14.10 8.23
C PRO A 102 5.22 14.15 6.74
N ILE A 103 4.52 14.98 5.96
CA ILE A 103 4.78 15.03 4.50
C ILE A 103 6.26 15.36 4.14
N LYS A 104 6.87 16.24 4.93
CA LYS A 104 8.28 16.62 4.74
C LYS A 104 9.21 15.44 5.03
N LEU A 105 8.86 14.67 6.06
CA LEU A 105 9.63 13.48 6.42
C LEU A 105 9.46 12.36 5.41
N ALA A 106 8.25 12.27 4.84
CA ALA A 106 7.97 11.37 3.71
C ALA A 106 8.84 11.76 2.53
N ARG A 107 9.02 13.07 2.33
CA ARG A 107 9.89 13.56 1.27
C ARG A 107 11.36 13.26 1.59
N LEU A 108 11.70 13.28 2.87
CA LEU A 108 13.02 12.87 3.34
C LEU A 108 13.29 11.39 3.04
N VAL A 109 12.29 10.55 3.31
CA VAL A 109 12.36 9.14 2.97
C VAL A 109 12.68 8.94 1.49
N MET A 110 11.98 9.70 0.63
CA MET A 110 12.12 9.57 -0.83
C MET A 110 13.52 9.87 -1.39
N GLU A 111 14.19 10.88 -0.85
CA GLU A 111 15.53 11.26 -1.37
C GLU A 111 16.72 10.90 -0.49
N LYS A 112 16.49 10.61 0.79
CA LYS A 112 17.62 10.31 1.70
C LYS A 112 17.73 8.85 2.15
N THR A 113 16.99 7.93 1.50
CA THR A 113 17.06 6.50 1.81
C THR A 113 17.03 5.61 0.55
N PRO A 114 17.32 4.30 0.72
CA PRO A 114 17.03 3.37 -0.39
C PRO A 114 15.56 2.90 -0.42
N HIS A 115 14.79 3.24 0.63
CA HIS A 115 13.42 2.75 0.82
C HIS A 115 12.34 3.77 0.42
N CYS A 116 11.08 3.37 0.46
CA CYS A 116 9.94 4.21 0.03
CA CYS A 116 10.03 4.32 0.10
C CYS A 116 8.92 4.42 1.15
N PHE A 117 9.10 3.71 2.26
CA PHE A 117 8.08 3.60 3.30
C PHE A 117 8.68 3.15 4.64
N LEU A 118 8.69 4.05 5.63
CA LEU A 118 9.07 3.73 7.01
C LEU A 118 7.90 3.91 7.97
N THR A 119 7.87 3.11 9.04
CA THR A 119 6.76 3.18 10.00
C THR A 119 7.19 3.32 11.46
N ASP A 120 6.36 4.05 12.20
CA ASP A 120 6.41 4.11 13.67
C ASP A 120 7.84 4.34 14.22
N GLN A 121 8.38 3.35 14.92
CA GLN A 121 9.65 3.49 15.66
C GLN A 121 10.83 3.90 14.77
N GLY A 122 10.97 3.20 13.64
CA GLY A 122 12.00 3.49 12.66
C GLY A 122 11.87 4.84 11.98
N ALA A 123 10.63 5.24 11.66
CA ALA A 123 10.39 6.56 11.06
C ALA A 123 10.73 7.70 12.02
N ALA A 124 10.47 7.45 13.31
CA ALA A 124 10.93 8.30 14.41
C ALA A 124 12.46 8.39 14.46
N GLN A 125 13.13 7.25 14.36
CA GLN A 125 14.59 7.22 14.36
C GLN A 125 15.20 7.93 13.16
N PHE A 126 14.53 7.85 12.00
CA PHE A 126 15.01 8.49 10.80
C PHE A 126 14.75 10.00 10.88
N ALA A 127 13.66 10.41 11.51
CA ALA A 127 13.43 11.82 11.75
C ALA A 127 14.59 12.43 12.56
N ALA A 128 14.89 11.82 13.72
CA ALA A 128 15.98 12.27 14.60
C ALA A 128 17.29 12.44 13.85
N ALA A 129 17.73 11.36 13.21
CA ALA A 129 18.98 11.37 12.47
C ALA A 129 19.03 12.51 11.45
N MET A 130 17.86 12.94 10.98
CA MET A 130 17.76 13.98 9.95
C MET A 130 17.62 15.36 10.56
N GLY A 131 17.33 15.41 11.86
CA GLY A 131 17.25 16.65 12.61
C GLY A 131 15.86 17.23 12.73
N VAL A 132 14.83 16.41 12.49
CA VAL A 132 13.44 16.85 12.69
C VAL A 132 13.18 17.01 14.19
N PRO A 133 12.79 18.22 14.62
CA PRO A 133 12.48 18.52 16.00
C PRO A 133 11.26 17.77 16.54
N GLU A 134 11.38 17.28 17.77
CA GLU A 134 10.27 16.65 18.47
C GLU A 134 9.48 17.72 19.22
N ILE A 135 8.19 17.80 18.92
CA ILE A 135 7.28 18.71 19.62
C ILE A 135 6.33 17.89 20.50
N PRO A 136 5.94 18.43 21.68
CA PRO A 136 5.10 17.65 22.59
C PRO A 136 3.74 17.33 21.96
N GLY A 137 3.15 16.20 22.37
CA GLY A 137 1.84 15.74 21.87
C GLY A 137 0.76 16.80 21.87
N GLU A 138 0.82 17.72 22.85
CA GLU A 138 -0.26 18.71 23.03
C GLU A 138 -0.22 19.87 22.04
N LYS A 139 0.90 20.04 21.33
CA LYS A 139 0.96 21.04 20.24
C LYS A 139 0.12 20.61 19.05
N LEU A 140 -0.23 19.32 18.99
CA LEU A 140 -1.00 18.78 17.89
C LEU A 140 -2.48 18.64 18.21
N VAL A 141 -2.78 18.49 19.50
CA VAL A 141 -4.13 18.20 19.97
C VAL A 141 -4.98 19.45 20.16
N THR A 142 -6.23 19.37 19.69
CA THR A 142 -7.18 20.49 19.75
C THR A 142 -8.37 20.11 20.62
N GLU A 143 -9.03 21.12 21.19
CA GLU A 143 -10.24 20.90 22.00
C GLU A 143 -11.44 20.43 21.17
N ARG A 144 -11.48 20.84 19.90
CA ARG A 144 -12.44 20.28 18.97
C ARG A 144 -12.30 18.76 18.88
N ASN A 145 -11.07 18.29 18.69
CA ASN A 145 -10.83 16.86 18.53
C ASN A 145 -10.83 16.14 19.87
N LYS A 146 -10.46 16.87 20.93
CA LYS A 146 -10.51 16.31 22.29
C LYS A 146 -11.95 15.91 22.61
N LYS A 147 -12.89 16.80 22.29
CA LYS A 147 -14.32 16.52 22.40
C LYS A 147 -14.72 15.35 21.51
N ARG A 148 -14.51 15.49 20.20
CA ARG A 148 -14.85 14.46 19.20
C ARG A 148 -14.65 13.02 19.68
N LEU A 149 -13.54 12.77 20.38
CA LEU A 149 -13.18 11.42 20.81
C LEU A 149 -14.03 10.95 22.00
N GLU A 150 -13.93 11.69 23.10
CA GLU A 150 -14.68 11.40 24.32
C GLU A 150 -16.18 11.18 24.02
N LYS A 151 -16.69 11.92 23.03
CA LYS A 151 -18.09 11.77 22.59
C LYS A 151 -18.26 10.64 21.55
N GLU A 152 -17.16 10.09 21.05
CA GLU A 152 -17.26 8.93 20.15
C GLU A 152 -17.35 7.62 20.92
N LYS A 153 -16.86 7.63 22.16
CA LYS A 153 -17.02 6.48 23.06
C LYS A 153 -18.26 6.68 23.95
N HIS A 154 -19.33 5.94 23.58
CA HIS A 154 -20.62 5.89 24.30
C HIS A 154 -21.79 5.73 23.33
N GLN A 164 -22.48 11.72 10.02
CA GLN A 164 -22.27 13.07 9.50
C GLN A 164 -21.11 13.78 10.22
N LYS A 165 -19.91 13.63 9.67
CA LYS A 165 -18.74 14.43 10.07
C LYS A 165 -17.76 14.56 8.90
N ASN A 166 -16.94 15.61 8.94
CA ASN A 166 -15.85 15.80 7.97
C ASN A 166 -14.58 16.18 8.73
N LEU A 167 -13.61 15.28 8.74
CA LEU A 167 -12.40 15.48 9.56
C LEU A 167 -11.40 16.44 8.91
N GLY A 168 -10.99 16.17 7.67
CA GLY A 168 -10.08 17.07 6.94
C GLY A 168 -8.74 16.47 6.53
N THR A 169 -8.75 15.19 6.12
CA THR A 169 -7.68 14.57 5.31
C THR A 169 -7.35 15.51 4.16
N VAL A 170 -6.06 15.64 3.85
CA VAL A 170 -5.63 16.63 2.86
C VAL A 170 -4.77 16.03 1.76
N GLY A 171 -4.78 16.64 0.58
CA GLY A 171 -3.90 16.20 -0.49
C GLY A 171 -3.67 17.23 -1.56
N ALA A 172 -2.69 16.99 -2.42
CA ALA A 172 -2.37 17.92 -3.49
C ALA A 172 -1.83 17.19 -4.71
N VAL A 173 -2.22 17.64 -5.91
CA VAL A 173 -1.59 17.16 -7.15
C VAL A 173 -1.11 18.33 -8.03
N ALA A 174 0.03 18.14 -8.68
CA ALA A 174 0.53 19.18 -9.57
C ALA A 174 1.05 18.68 -10.92
N LEU A 175 1.16 19.65 -11.81
CA LEU A 175 1.90 19.57 -13.07
C LEU A 175 2.79 20.81 -13.11
N ASP A 176 4.07 20.61 -13.40
CA ASP A 176 5.00 21.75 -13.51
C ASP A 176 5.35 22.13 -14.96
N CYS A 177 6.19 23.15 -15.10
CA CYS A 177 6.52 23.68 -16.44
C CYS A 177 7.27 22.69 -17.35
N LYS A 178 7.99 21.74 -16.76
CA LYS A 178 8.70 20.72 -17.56
C LYS A 178 7.89 19.47 -17.88
N GLY A 179 6.61 19.45 -17.51
CA GLY A 179 5.73 18.32 -17.83
C GLY A 179 5.81 17.16 -16.83
N ASN A 180 6.31 17.45 -15.64
CA ASN A 180 6.41 16.46 -14.56
C ASN A 180 5.22 16.55 -13.64
N VAL A 181 4.65 15.41 -13.25
CA VAL A 181 3.56 15.36 -12.28
C VAL A 181 3.97 14.85 -10.87
N ALA A 182 3.09 15.07 -9.89
CA ALA A 182 3.30 14.65 -8.50
C ALA A 182 1.99 14.66 -7.70
N TYR A 183 2.03 13.99 -6.55
CA TYR A 183 0.97 14.05 -5.52
C TYR A 183 1.56 14.07 -4.10
N ALA A 184 0.81 14.62 -3.17
CA ALA A 184 1.07 14.40 -1.75
C ALA A 184 -0.30 14.22 -1.08
N THR A 185 -0.38 13.37 -0.04
CA THR A 185 -1.60 13.19 0.80
C THR A 185 -1.10 13.09 2.25
N SER A 186 -1.83 13.67 3.20
CA SER A 186 -1.48 13.56 4.62
C SER A 186 -2.74 13.43 5.47
N THR A 187 -2.68 12.61 6.53
CA THR A 187 -3.87 12.42 7.38
C THR A 187 -3.53 12.10 8.82
N GLY A 188 -4.43 12.48 9.73
CA GLY A 188 -4.36 12.03 11.12
C GLY A 188 -5.19 10.79 11.40
N GLY A 189 -5.81 10.22 10.36
CA GLY A 189 -6.50 8.94 10.45
C GLY A 189 -8.00 9.06 10.69
N ILE A 190 -8.53 8.18 11.54
CA ILE A 190 -9.96 8.18 11.93
C ILE A 190 -10.12 8.42 13.43
N VAL A 191 -11.25 9.01 13.83
CA VAL A 191 -11.56 9.26 15.24
C VAL A 191 -11.82 7.93 15.97
N ASN A 192 -11.06 7.69 17.04
CA ASN A 192 -11.05 6.44 17.80
C ASN A 192 -10.47 5.20 17.11
N LYS A 193 -9.64 5.41 16.08
CA LYS A 193 -8.96 4.28 15.43
C LYS A 193 -8.14 3.54 16.47
N MET A 194 -8.05 2.21 16.33
CA MET A 194 -7.18 1.42 17.19
C MET A 194 -5.75 1.97 17.08
N VAL A 195 -4.88 1.56 17.99
CA VAL A 195 -3.49 1.95 17.94
C VAL A 195 -2.82 1.30 16.74
N GLY A 196 -2.13 2.11 15.95
CA GLY A 196 -1.38 1.60 14.79
C GLY A 196 -2.19 1.29 13.54
N ARG A 197 -3.45 1.73 13.52
CA ARG A 197 -4.26 1.66 12.31
C ARG A 197 -3.67 2.59 11.26
N VAL A 198 -3.39 2.02 10.09
CA VAL A 198 -2.85 2.73 8.94
C VAL A 198 -3.86 2.68 7.82
N GLY A 199 -4.30 3.84 7.35
CA GLY A 199 -5.27 3.92 6.26
C GLY A 199 -4.62 3.97 4.89
N ASP A 200 -5.23 4.74 3.99
CA ASP A 200 -4.83 4.76 2.58
C ASP A 200 -3.78 5.81 2.24
N SER A 201 -3.68 6.85 3.06
CA SER A 201 -2.82 8.00 2.74
C SER A 201 -1.34 7.62 2.51
N PRO A 202 -0.78 6.67 3.28
CA PRO A 202 0.64 6.40 3.00
C PRO A 202 0.88 5.32 1.96
N CYS A 203 -0.20 4.81 1.35
CA CYS A 203 -0.08 3.62 0.47
C CYS A 203 -0.20 3.93 -1.04
N LEU A 204 0.94 3.91 -1.72
CA LEU A 204 1.01 4.21 -3.16
C LEU A 204 -0.05 3.45 -3.93
N GLY A 205 -0.81 4.17 -4.74
CA GLY A 205 -1.85 3.53 -5.53
C GLY A 205 -3.22 3.63 -4.92
N ALA A 206 -3.26 3.76 -3.59
CA ALA A 206 -4.52 3.94 -2.86
C ALA A 206 -4.74 5.38 -2.44
N GLY A 207 -3.93 5.88 -1.51
CA GLY A 207 -3.94 7.30 -1.16
C GLY A 207 -3.66 8.28 -2.31
N GLY A 208 -2.89 7.84 -3.30
CA GLY A 208 -2.50 8.72 -4.40
C GLY A 208 -1.52 7.99 -5.32
N TYR A 209 -1.39 8.48 -6.55
CA TYR A 209 -0.41 7.96 -7.50
C TYR A 209 0.08 9.03 -8.50
N ALA A 210 1.36 9.01 -8.87
CA ALA A 210 1.86 9.92 -9.91
C ALA A 210 2.79 9.29 -10.98
N ASP A 211 2.42 9.49 -12.26
CA ASP A 211 3.11 8.92 -13.44
C ASP A 211 3.12 9.93 -14.61
N ASN A 212 4.32 10.40 -14.98
CA ASN A 212 4.47 11.38 -16.07
C ASN A 212 3.69 11.02 -17.36
N ASP A 213 3.54 9.72 -17.61
CA ASP A 213 2.93 9.22 -18.83
C ASP A 213 1.38 9.13 -18.77
N ILE A 214 0.79 9.53 -17.64
CA ILE A 214 -0.68 9.45 -17.43
C ILE A 214 -1.34 10.63 -16.66
N GLY A 215 -0.86 10.93 -15.45
CA GLY A 215 -1.41 11.97 -14.59
C GLY A 215 -1.14 11.65 -13.12
N ALA A 216 -1.74 12.43 -12.22
CA ALA A 216 -1.58 12.26 -10.78
C ALA A 216 -2.94 12.39 -10.08
N VAL A 217 -3.13 11.58 -9.04
CA VAL A 217 -4.37 11.54 -8.23
C VAL A 217 -4.04 11.70 -6.75
N SER A 218 -4.86 12.46 -6.01
CA SER A 218 -4.86 12.38 -4.53
C SER A 218 -6.29 12.06 -4.07
N THR A 219 -6.44 11.07 -3.18
CA THR A 219 -7.78 10.65 -2.73
C THR A 219 -8.08 10.99 -1.27
N THR A 220 -9.35 11.02 -0.94
CA THR A 220 -9.80 11.08 0.45
C THR A 220 -11.07 10.25 0.62
N GLY A 221 -11.34 9.82 1.84
CA GLY A 221 -12.52 9.01 2.14
C GLY A 221 -12.24 8.07 3.28
N HIS A 222 -13.03 6.99 3.35
CA HIS A 222 -12.78 5.94 4.33
C HIS A 222 -11.64 5.10 3.78
N GLY A 223 -10.47 5.20 4.41
CA GLY A 223 -9.27 4.54 3.91
C GLY A 223 -9.47 3.10 3.49
N GLU A 224 -10.13 2.32 4.36
CA GLU A 224 -10.31 0.87 4.15
C GLU A 224 -10.89 0.50 2.78
N SER A 225 -11.81 1.31 2.26
CA SER A 225 -12.41 1.06 0.96
C SER A 225 -11.43 1.43 -0.13
N ILE A 226 -10.86 2.63 0.03
CA ILE A 226 -9.90 3.21 -0.90
C ILE A 226 -8.75 2.24 -1.11
N LEU A 227 -8.29 1.63 -0.02
CA LEU A 227 -7.25 0.59 -0.04
C LEU A 227 -7.71 -0.67 -0.79
N LYS A 228 -8.92 -1.14 -0.50
CA LYS A 228 -9.49 -2.32 -1.17
C LYS A 228 -9.63 -2.16 -2.69
N VAL A 229 -10.00 -0.96 -3.16
CA VAL A 229 -10.14 -0.76 -4.60
C VAL A 229 -8.93 -0.09 -5.28
N ASN A 230 -7.89 0.28 -4.52
CA ASN A 230 -6.73 1.02 -5.08
C ASN A 230 -7.19 2.26 -5.84
N LEU A 231 -7.98 3.11 -5.19
CA LEU A 231 -8.70 4.18 -5.88
C LEU A 231 -7.86 5.04 -6.85
N ALA A 232 -6.58 5.24 -6.52
CA ALA A 232 -5.75 6.20 -7.22
C ALA A 232 -5.24 5.67 -8.56
N ARG A 233 -4.73 4.43 -8.53
CA ARG A 233 -4.26 3.74 -9.72
C ARG A 233 -5.41 3.33 -10.64
N LEU A 234 -6.57 3.06 -10.02
CA LEU A 234 -7.80 2.71 -10.73
C LEU A 234 -8.33 3.89 -11.55
N THR A 235 -8.22 5.08 -11.00
CA THR A 235 -8.57 6.29 -11.73
C THR A 235 -7.70 6.42 -12.99
N LEU A 236 -6.39 6.23 -12.83
CA LEU A 236 -5.45 6.42 -13.94
C LEU A 236 -5.52 5.31 -14.97
N PHE A 237 -5.84 4.08 -14.54
CA PHE A 237 -6.13 3.00 -15.48
CA PHE A 237 -6.12 3.00 -15.47
C PHE A 237 -7.26 3.39 -16.44
N HIS A 238 -8.28 4.10 -15.93
CA HIS A 238 -9.38 4.57 -16.78
C HIS A 238 -8.94 5.69 -17.73
N ILE A 239 -8.01 6.52 -17.29
CA ILE A 239 -7.50 7.58 -18.16
C ILE A 239 -6.74 6.97 -19.34
N GLU A 240 -5.81 6.05 -19.06
CA GLU A 240 -5.11 5.33 -20.15
C GLU A 240 -6.10 4.65 -21.11
N GLN A 241 -7.21 4.15 -20.56
CA GLN A 241 -8.29 3.49 -21.32
C GLN A 241 -9.04 4.42 -22.28
N GLY A 242 -8.64 5.69 -22.34
CA GLY A 242 -9.28 6.65 -23.24
C GLY A 242 -10.35 7.51 -22.60
N LYS A 243 -10.55 7.39 -21.29
CA LYS A 243 -11.53 8.22 -20.58
C LYS A 243 -11.01 9.61 -20.24
N THR A 244 -11.93 10.57 -20.09
CA THR A 244 -11.58 11.92 -19.66
C THR A 244 -11.48 11.97 -18.12
N VAL A 245 -10.83 13.02 -17.62
CA VAL A 245 -10.58 13.12 -16.18
C VAL A 245 -11.89 13.01 -15.39
N GLU A 246 -12.94 13.68 -15.87
CA GLU A 246 -14.25 13.60 -15.22
C GLU A 246 -14.88 12.20 -15.37
N GLU A 247 -14.66 11.58 -16.52
CA GLU A 247 -15.18 10.24 -16.78
C GLU A 247 -14.52 9.21 -15.85
N ALA A 248 -13.19 9.24 -15.80
CA ALA A 248 -12.43 8.31 -14.96
C ALA A 248 -12.84 8.40 -13.48
N ALA A 249 -12.85 9.61 -12.95
CA ALA A 249 -13.29 9.88 -11.58
C ALA A 249 -14.64 9.25 -11.30
N ASP A 250 -15.65 9.68 -12.05
CA ASP A 250 -17.00 9.13 -11.95
C ASP A 250 -17.06 7.59 -12.00
N LEU A 251 -16.27 6.97 -12.86
CA LEU A 251 -16.15 5.48 -12.90
C LEU A 251 -15.40 4.84 -11.72
N SER A 252 -14.21 5.38 -11.38
CA SER A 252 -13.47 4.82 -10.25
C SER A 252 -14.26 4.99 -8.95
N LEU A 253 -14.69 6.23 -8.67
CA LEU A 253 -15.64 6.48 -7.58
C LEU A 253 -16.92 5.65 -7.70
N GLY A 254 -17.26 5.29 -8.94
CA GLY A 254 -18.43 4.46 -9.23
C GLY A 254 -18.31 3.04 -8.72
N TYR A 255 -17.12 2.46 -8.88
CA TYR A 255 -16.85 1.13 -8.40
C TYR A 255 -16.85 1.12 -6.86
N MET A 256 -16.19 2.08 -6.24
CA MET A 256 -16.00 2.08 -4.78
C MET A 256 -17.33 2.11 -4.03
N LYS A 257 -18.28 2.89 -4.53
CA LYS A 257 -19.60 2.89 -3.95
C LYS A 257 -20.28 1.52 -4.12
N SER A 258 -20.24 0.98 -5.33
CA SER A 258 -20.98 -0.25 -5.65
C SER A 258 -20.31 -1.55 -5.17
N ARG A 259 -18.99 -1.65 -5.24
CA ARG A 259 -18.32 -2.88 -4.85
C ARG A 259 -18.10 -2.94 -3.34
N VAL A 260 -17.72 -1.82 -2.73
CA VAL A 260 -17.38 -1.81 -1.29
C VAL A 260 -18.22 -0.85 -0.43
N LYS A 261 -19.23 -0.23 -1.03
CA LYS A 261 -20.09 0.73 -0.29
C LYS A 261 -19.27 1.84 0.40
N GLY A 262 -18.27 2.36 -0.31
CA GLY A 262 -17.44 3.45 0.21
C GLY A 262 -17.54 4.71 -0.64
N LEU A 263 -17.65 5.86 0.03
CA LEU A 263 -17.83 7.15 -0.61
C LEU A 263 -16.64 8.04 -0.28
N GLY A 264 -16.54 9.19 -0.95
CA GLY A 264 -15.43 10.11 -0.73
C GLY A 264 -15.11 10.84 -2.01
N GLY A 265 -13.83 11.19 -2.18
CA GLY A 265 -13.45 11.98 -3.33
C GLY A 265 -11.99 11.93 -3.72
N LEU A 266 -11.72 12.38 -4.94
CA LEU A 266 -10.35 12.49 -5.44
C LEU A 266 -10.15 13.83 -6.16
N ILE A 267 -8.90 14.09 -6.56
CA ILE A 267 -8.57 15.18 -7.47
C ILE A 267 -7.58 14.59 -8.47
N VAL A 268 -7.63 15.07 -9.71
CA VAL A 268 -6.71 14.56 -10.74
C VAL A 268 -6.20 15.68 -11.63
N VAL A 269 -4.95 15.55 -12.07
CA VAL A 269 -4.41 16.30 -13.21
C VAL A 269 -3.91 15.27 -14.23
N SER A 270 -4.27 15.43 -15.51
CA SER A 270 -3.69 14.58 -16.56
C SER A 270 -2.36 15.18 -16.99
N LYS A 271 -1.53 14.37 -17.66
CA LYS A 271 -0.26 14.85 -18.21
C LYS A 271 -0.47 16.08 -19.11
N THR A 272 -1.66 16.18 -19.72
CA THR A 272 -2.00 17.29 -20.62
C THR A 272 -2.79 18.47 -20.00
N GLY A 273 -2.79 18.61 -18.68
CA GLY A 273 -3.31 19.84 -18.04
C GLY A 273 -4.80 19.90 -17.67
N ASP A 274 -5.58 18.96 -18.18
CA ASP A 274 -6.97 18.81 -17.75
C ASP A 274 -7.01 18.37 -16.29
N TRP A 275 -7.94 18.95 -15.53
CA TRP A 275 -8.02 18.71 -14.08
C TRP A 275 -9.47 18.63 -13.65
N VAL A 276 -9.72 17.89 -12.57
CA VAL A 276 -11.07 17.76 -12.04
C VAL A 276 -11.04 17.44 -10.54
N ALA A 277 -12.10 17.83 -9.84
CA ALA A 277 -12.35 17.41 -8.47
C ALA A 277 -13.77 16.86 -8.38
N LYS A 278 -13.88 15.58 -8.04
CA LYS A 278 -15.18 14.90 -7.94
C LYS A 278 -15.36 14.17 -6.60
N TRP A 279 -16.60 14.10 -6.11
CA TRP A 279 -16.88 13.38 -4.86
C TRP A 279 -18.26 12.72 -4.82
N THR A 280 -18.32 11.55 -4.20
CA THR A 280 -19.59 10.84 -3.91
C THR A 280 -19.97 10.98 -2.44
N SER A 281 -19.09 11.54 -1.64
CA SER A 281 -19.48 11.86 -0.29
C SER A 281 -20.38 13.09 -0.39
N THR A 282 -20.78 13.65 0.74
CA THR A 282 -21.54 14.88 0.67
C THR A 282 -20.72 16.02 0.07
N SER A 283 -19.56 16.26 0.69
CA SER A 283 -18.71 17.41 0.38
C SER A 283 -17.24 17.03 0.30
N MET A 284 -16.52 17.79 -0.50
CA MET A 284 -15.07 17.86 -0.47
C MET A 284 -14.59 19.29 -0.66
N PRO A 285 -13.94 19.86 0.37
CA PRO A 285 -13.25 21.12 0.10
C PRO A 285 -12.20 20.89 -0.98
N TRP A 286 -12.02 21.89 -1.84
CA TRP A 286 -11.06 21.80 -2.94
C TRP A 286 -10.75 23.16 -3.52
N ALA A 287 -9.50 23.33 -3.96
CA ALA A 287 -9.10 24.52 -4.70
C ALA A 287 -8.25 24.10 -5.88
N ALA A 288 -8.29 24.90 -6.93
CA ALA A 288 -7.45 24.69 -8.12
C ALA A 288 -6.91 26.03 -8.59
N ALA A 289 -5.62 26.07 -8.87
CA ALA A 289 -4.95 27.28 -9.33
C ALA A 289 -4.25 27.01 -10.66
N LYS A 290 -4.64 27.77 -11.68
CA LYS A 290 -4.09 27.67 -13.04
C LYS A 290 -4.40 28.97 -13.77
N ASP A 291 -3.55 29.29 -14.74
CA ASP A 291 -3.81 30.38 -15.69
C ASP A 291 -4.31 31.67 -15.00
N GLY A 292 -3.67 32.01 -13.87
CA GLY A 292 -3.93 33.26 -13.15
C GLY A 292 -5.31 33.40 -12.52
N LYS A 293 -6.04 32.29 -12.37
CA LYS A 293 -7.32 32.26 -11.65
C LYS A 293 -7.33 31.17 -10.57
N LEU A 294 -8.21 31.32 -9.59
CA LEU A 294 -8.38 30.32 -8.55
C LEU A 294 -9.80 29.77 -8.58
N HIS A 295 -9.89 28.44 -8.55
CA HIS A 295 -11.17 27.71 -8.56
C HIS A 295 -11.37 27.06 -7.19
N PHE A 296 -12.57 27.18 -6.64
CA PHE A 296 -12.81 26.75 -5.26
C PHE A 296 -14.22 26.20 -5.08
N GLY A 297 -14.41 25.32 -4.10
CA GLY A 297 -15.71 24.70 -3.85
C GLY A 297 -15.78 23.73 -2.68
N ILE A 298 -16.98 23.58 -2.12
CA ILE A 298 -17.26 22.58 -1.09
C ILE A 298 -18.46 21.72 -1.47
N ASP A 299 -19.63 22.34 -1.60
CA ASP A 299 -20.83 21.63 -2.02
C ASP A 299 -20.95 21.59 -3.54
N PRO A 300 -21.66 20.58 -4.08
CA PRO A 300 -21.82 20.57 -5.54
C PRO A 300 -22.32 21.92 -6.08
N ASP A 301 -21.71 22.34 -7.19
CA ASP A 301 -22.10 23.53 -7.96
C ASP A 301 -22.04 24.89 -7.23
N ASP A 302 -21.31 24.96 -6.11
CA ASP A 302 -21.09 26.25 -5.43
C ASP A 302 -19.80 26.94 -5.91
N THR A 303 -19.11 26.30 -6.85
CA THR A 303 -17.82 26.74 -7.37
C THR A 303 -17.74 28.24 -7.65
N THR A 304 -16.67 28.87 -7.16
CA THR A 304 -16.37 30.27 -7.44
C THR A 304 -15.03 30.37 -8.15
N ILE A 305 -14.87 31.43 -8.94
CA ILE A 305 -13.60 31.74 -9.59
C ILE A 305 -13.18 33.15 -9.20
N THR A 306 -11.92 33.31 -8.82
CA THR A 306 -11.33 34.63 -8.62
C THR A 306 -9.98 34.67 -9.34
N ASP A 307 -9.55 35.87 -9.75
CA ASP A 307 -8.25 36.01 -10.38
C ASP A 307 -7.19 36.02 -9.29
N LEU A 308 -6.06 35.38 -9.56
CA LEU A 308 -5.00 35.23 -8.56
C LEU A 308 -3.88 36.27 -8.73
N PRO A 309 -3.31 36.73 -7.60
CA PRO A 309 -2.07 37.49 -7.63
C PRO A 309 -0.88 36.65 -7.12
N HIS B 1 -19.44 -27.03 -9.99
CA HIS B 1 -18.51 -26.13 -9.25
C HIS B 1 -17.05 -26.34 -9.66
N MET B 2 -16.23 -25.31 -9.42
CA MET B 2 -14.84 -25.21 -9.84
C MET B 2 -13.95 -26.30 -9.26
N ASN B 3 -12.88 -26.62 -9.98
CA ASN B 3 -11.81 -27.44 -9.44
C ASN B 3 -10.82 -26.54 -8.73
N PRO B 4 -10.48 -26.86 -7.48
CA PRO B 4 -9.57 -26.07 -6.68
C PRO B 4 -8.10 -26.19 -7.10
N ILE B 5 -7.39 -25.06 -7.02
CA ILE B 5 -5.96 -25.00 -7.27
C ILE B 5 -5.29 -24.08 -6.24
N VAL B 6 -4.09 -24.45 -5.79
CA VAL B 6 -3.26 -23.58 -4.97
C VAL B 6 -1.90 -23.45 -5.66
N VAL B 7 -1.34 -22.24 -5.63
CA VAL B 7 0.04 -22.03 -6.08
C VAL B 7 0.88 -21.39 -4.97
N VAL B 8 2.12 -21.83 -4.80
CA VAL B 8 3.02 -21.23 -3.81
CA VAL B 8 3.02 -21.27 -3.80
C VAL B 8 4.32 -20.77 -4.45
N HIS B 9 4.92 -19.76 -3.84
CA HIS B 9 6.23 -19.26 -4.29
C HIS B 9 7.14 -18.97 -3.10
N GLY B 10 8.43 -19.18 -3.31
CA GLY B 10 9.42 -18.53 -2.46
C GLY B 10 9.82 -17.27 -3.20
N GLY B 11 11.05 -16.81 -2.95
CA GLY B 11 11.60 -15.62 -3.58
C GLY B 11 12.21 -15.77 -4.96
N GLY B 12 11.75 -14.95 -5.90
CA GLY B 12 12.34 -14.82 -7.22
C GLY B 12 13.55 -13.93 -7.17
N ALA B 13 14.73 -14.54 -7.00
CA ALA B 13 15.96 -13.79 -6.83
C ALA B 13 17.20 -14.56 -7.37
N GLY B 14 18.29 -14.53 -6.60
CA GLY B 14 19.58 -15.09 -7.02
C GLY B 14 19.62 -16.60 -7.16
N PRO B 15 20.76 -17.16 -7.63
CA PRO B 15 20.98 -18.59 -7.75
C PRO B 15 20.92 -19.28 -6.39
N ILE B 16 20.12 -20.34 -6.29
CA ILE B 16 20.07 -21.15 -5.08
C ILE B 16 21.34 -22.02 -4.99
N SER B 17 21.92 -22.10 -3.80
CA SER B 17 23.04 -23.01 -3.56
C SER B 17 22.59 -24.47 -3.70
N LYS B 18 23.51 -25.35 -4.06
CA LYS B 18 23.18 -26.75 -4.29
C LYS B 18 22.88 -27.47 -2.97
N ASP B 19 23.60 -27.09 -1.91
CA ASP B 19 23.34 -27.60 -0.57
C ASP B 19 22.05 -27.05 0.04
N ARG B 20 21.16 -26.52 -0.82
CA ARG B 20 19.93 -25.84 -0.40
C ARG B 20 18.72 -26.24 -1.26
N LYS B 21 18.96 -26.92 -2.39
CA LYS B 21 17.87 -27.27 -3.32
C LYS B 21 16.78 -28.15 -2.71
N GLU B 22 17.16 -29.37 -2.34
CA GLU B 22 16.19 -30.31 -1.78
C GLU B 22 15.45 -29.68 -0.61
N ARG B 23 16.16 -28.91 0.21
CA ARG B 23 15.57 -28.28 1.40
C ARG B 23 14.51 -27.24 1.08
N VAL B 24 14.70 -26.50 -0.01
CA VAL B 24 13.68 -25.57 -0.51
C VAL B 24 12.55 -26.37 -1.17
N HIS B 25 12.93 -27.43 -1.87
CA HIS B 25 11.99 -28.35 -2.51
C HIS B 25 11.00 -28.92 -1.48
N GLN B 26 11.53 -29.48 -0.40
CA GLN B 26 10.72 -30.05 0.69
C GLN B 26 9.82 -29.02 1.34
N GLY B 27 10.31 -27.79 1.42
CA GLY B 27 9.53 -26.65 1.86
C GLY B 27 8.38 -26.32 0.93
N MET B 28 8.69 -26.16 -0.36
CA MET B 28 7.66 -25.89 -1.37
C MET B 28 6.68 -27.04 -1.46
N VAL B 29 7.20 -28.27 -1.37
CA VAL B 29 6.38 -29.48 -1.37
C VAL B 29 5.41 -29.52 -0.18
N ARG B 30 5.90 -29.23 1.02
CA ARG B 30 5.04 -29.14 2.22
C ARG B 30 3.89 -28.14 2.08
N ALA B 31 4.24 -26.91 1.72
CA ALA B 31 3.31 -25.79 1.74
C ALA B 31 2.17 -25.97 0.74
N ALA B 32 2.53 -26.45 -0.44
CA ALA B 32 1.56 -26.75 -1.50
C ALA B 32 0.65 -27.94 -1.17
N THR B 33 1.21 -28.97 -0.54
CA THR B 33 0.44 -30.13 -0.05
C THR B 33 -0.56 -29.72 1.04
N VAL B 34 -0.10 -28.89 1.97
CA VAL B 34 -0.93 -28.41 3.08
C VAL B 34 -2.12 -27.57 2.56
N GLY B 35 -1.86 -26.72 1.58
CA GLY B 35 -2.92 -25.88 0.99
C GLY B 35 -3.97 -26.67 0.22
N TYR B 36 -3.51 -27.66 -0.53
CA TYR B 36 -4.41 -28.47 -1.35
C TYR B 36 -5.11 -29.48 -0.46
N GLY B 37 -4.43 -29.86 0.61
CA GLY B 37 -5.02 -30.65 1.68
C GLY B 37 -6.24 -29.96 2.27
N ILE B 38 -6.27 -28.63 2.20
CA ILE B 38 -7.35 -27.83 2.80
C ILE B 38 -8.47 -27.64 1.80
N LEU B 39 -8.11 -27.41 0.54
CA LEU B 39 -9.09 -27.21 -0.52
C LEU B 39 -9.87 -28.51 -0.79
N ARG B 40 -9.15 -29.64 -0.77
CA ARG B 40 -9.72 -30.97 -1.00
C ARG B 40 -10.75 -31.40 0.05
N GLU B 41 -10.85 -30.67 1.16
CA GLU B 41 -11.96 -30.93 2.07
C GLU B 41 -13.08 -29.89 1.96
N GLY B 42 -13.19 -29.25 0.79
CA GLY B 42 -14.03 -28.07 0.63
C GLY B 42 -13.64 -26.94 1.57
N GLY B 43 -12.34 -26.68 1.68
CA GLY B 43 -11.87 -25.50 2.41
C GLY B 43 -12.00 -24.26 1.55
N SER B 44 -12.10 -23.08 2.17
CA SER B 44 -12.13 -21.81 1.41
C SER B 44 -10.72 -21.42 0.93
N ALA B 45 -10.65 -20.63 -0.14
CA ALA B 45 -9.37 -20.08 -0.59
C ALA B 45 -8.60 -19.33 0.52
N VAL B 46 -9.30 -18.53 1.34
CA VAL B 46 -8.64 -17.77 2.43
C VAL B 46 -7.99 -18.72 3.44
N ASP B 47 -8.69 -19.79 3.77
CA ASP B 47 -8.14 -20.89 4.57
C ASP B 47 -6.86 -21.46 3.96
N ALA B 48 -6.86 -21.68 2.65
CA ALA B 48 -5.78 -22.46 2.04
C ALA B 48 -4.47 -21.70 1.95
N VAL B 49 -4.53 -20.46 1.44
CA VAL B 49 -3.35 -19.59 1.35
C VAL B 49 -2.74 -19.34 2.73
N GLU B 50 -3.57 -19.11 3.75
CA GLU B 50 -3.07 -18.97 5.11
C GLU B 50 -2.25 -20.17 5.62
N GLY B 51 -2.74 -21.40 5.42
CA GLY B 51 -2.07 -22.61 5.90
C GLY B 51 -0.79 -22.88 5.14
N ALA B 52 -0.85 -22.65 3.84
CA ALA B 52 0.33 -22.72 2.98
C ALA B 52 1.40 -21.72 3.46
N VAL B 53 1.07 -20.44 3.60
CA VAL B 53 2.06 -19.47 4.14
C VAL B 53 2.58 -19.82 5.56
N VAL B 54 1.68 -20.12 6.50
CA VAL B 54 2.10 -20.63 7.81
C VAL B 54 3.25 -21.65 7.69
N ALA B 55 3.10 -22.63 6.80
CA ALA B 55 4.11 -23.69 6.61
C ALA B 55 5.50 -23.18 6.20
N LEU B 56 5.51 -22.00 5.58
CA LEU B 56 6.74 -21.36 5.13
C LEU B 56 7.29 -20.41 6.20
N GLU B 57 6.41 -19.82 6.99
CA GLU B 57 6.81 -19.06 8.18
C GLU B 57 7.47 -20.01 9.18
N ASP B 58 6.82 -21.14 9.43
CA ASP B 58 7.39 -22.14 10.33
C ASP B 58 8.68 -22.78 9.81
N ASP B 59 8.93 -22.67 8.52
CA ASP B 59 10.11 -23.28 7.91
C ASP B 59 11.33 -22.33 7.93
N PRO B 60 12.43 -22.72 8.59
CA PRO B 60 13.58 -21.82 8.70
C PRO B 60 14.38 -21.67 7.39
N GLU B 61 13.98 -22.37 6.34
CA GLU B 61 14.63 -22.27 5.04
C GLU B 61 14.27 -20.97 4.28
N PHE B 62 13.29 -20.25 4.80
CA PHE B 62 12.67 -19.14 4.08
C PHE B 62 12.54 -17.88 4.91
N ASN B 63 12.54 -16.74 4.21
CA ASN B 63 12.49 -15.44 4.83
C ASN B 63 11.05 -14.97 5.10
N ALA B 64 10.48 -15.50 6.17
CA ALA B 64 9.15 -15.17 6.67
C ALA B 64 9.10 -15.96 7.95
N GLY B 65 8.47 -15.43 9.00
CA GLY B 65 8.54 -16.06 10.32
C GLY B 65 9.95 -16.57 10.63
N CYS B 66 10.03 -17.72 11.29
CA CYS B 66 11.30 -18.34 11.59
C CYS B 66 12.16 -18.42 10.33
N GLY B 67 13.26 -17.68 10.30
CA GLY B 67 14.06 -17.56 9.10
C GLY B 67 14.01 -16.19 8.44
N SER B 68 13.42 -15.20 9.09
CA SER B 68 13.45 -13.83 8.59
C SER B 68 14.84 -13.22 8.69
N VAL B 69 15.17 -12.38 7.72
CA VAL B 69 16.43 -11.64 7.72
C VAL B 69 16.45 -10.59 8.83
N LEU B 70 17.64 -10.21 9.27
CA LEU B 70 17.77 -9.19 10.32
C LEU B 70 17.97 -7.78 9.74
N ASN B 71 17.32 -6.82 10.37
CA ASN B 71 17.46 -5.41 10.00
C ASN B 71 18.83 -4.86 10.42
N THR B 72 19.05 -3.57 10.15
CA THR B 72 20.27 -2.85 10.56
C THR B 72 20.62 -2.98 12.05
N ASN B 73 19.66 -3.44 12.88
CA ASN B 73 19.84 -3.51 14.33
C ASN B 73 19.83 -4.92 14.95
N GLY B 74 20.09 -5.95 14.14
CA GLY B 74 20.11 -7.32 14.61
C GLY B 74 18.79 -7.99 14.95
N GLU B 75 17.66 -7.30 14.73
CA GLU B 75 16.33 -7.84 15.09
C GLU B 75 15.45 -8.28 13.91
N VAL B 76 14.39 -9.02 14.24
CA VAL B 76 13.40 -9.46 13.26
C VAL B 76 12.20 -8.53 13.30
N GLU B 77 11.83 -7.98 12.13
CA GLU B 77 10.57 -7.23 11.95
C GLU B 77 9.94 -7.80 10.68
N MET B 78 8.67 -8.17 10.74
CA MET B 78 8.06 -8.96 9.68
C MET B 78 6.86 -8.26 9.02
N ASP B 79 6.59 -8.58 7.76
CA ASP B 79 5.42 -8.02 7.06
C ASP B 79 4.50 -9.17 6.56
N ALA B 80 3.18 -9.01 6.64
CA ALA B 80 2.26 -10.02 6.08
C ALA B 80 0.95 -9.44 5.58
N SER B 81 0.37 -10.04 4.54
CA SER B 81 -1.01 -9.69 4.12
C SER B 81 -1.79 -10.80 3.43
N ILE B 82 -3.11 -10.61 3.38
CA ILE B 82 -4.00 -11.67 2.94
C ILE B 82 -5.31 -10.97 2.56
N MET B 83 -5.95 -11.48 1.52
CA MET B 83 -7.14 -10.88 0.92
C MET B 83 -8.11 -11.96 0.47
N ASP B 84 -9.40 -11.72 0.72
CA ASP B 84 -10.56 -12.51 0.29
C ASP B 84 -11.06 -11.90 -1.02
N GLY B 85 -11.14 -12.70 -2.09
CA GLY B 85 -11.50 -12.18 -3.42
C GLY B 85 -12.99 -11.86 -3.64
N LYS B 86 -13.82 -12.29 -2.68
CA LYS B 86 -15.27 -12.16 -2.79
C LYS B 86 -15.83 -10.78 -2.43
N ASP B 87 -15.50 -10.29 -1.24
CA ASP B 87 -15.99 -8.99 -0.76
C ASP B 87 -14.86 -7.97 -0.69
N LEU B 88 -13.73 -8.29 -1.32
CA LEU B 88 -12.50 -7.48 -1.27
C LEU B 88 -12.01 -7.25 0.17
N SER B 89 -12.32 -8.17 1.07
CA SER B 89 -11.89 -8.05 2.46
C SER B 89 -10.41 -8.34 2.54
N ALA B 90 -9.76 -7.80 3.56
CA ALA B 90 -8.32 -7.81 3.66
C ALA B 90 -7.84 -7.51 5.09
N GLY B 91 -6.66 -8.03 5.39
CA GLY B 91 -6.00 -7.78 6.67
C GLY B 91 -4.51 -7.80 6.42
N ALA B 92 -3.76 -7.04 7.21
CA ALA B 92 -2.34 -6.88 6.98
C ALA B 92 -1.65 -6.27 8.19
N VAL B 93 -0.44 -6.76 8.44
CA VAL B 93 0.39 -6.27 9.53
C VAL B 93 1.76 -5.92 8.93
N SER B 94 2.40 -4.90 9.51
CA SER B 94 3.74 -4.49 9.08
C SER B 94 4.61 -4.24 10.30
N ALA B 95 5.87 -4.62 10.18
CA ALA B 95 6.87 -4.39 11.23
C ALA B 95 6.45 -4.99 12.58
N VAL B 96 6.05 -6.26 12.57
CA VAL B 96 5.80 -6.99 13.80
C VAL B 96 7.05 -7.79 14.21
N GLN B 97 7.24 -7.99 15.51
CA GLN B 97 8.34 -8.83 16.04
C GLN B 97 7.79 -9.85 17.05
N CYS B 98 8.60 -10.88 17.32
CA CYS B 98 8.41 -11.76 18.49
C CYS B 98 7.05 -12.49 18.55
N ILE B 99 6.46 -12.67 17.37
CA ILE B 99 5.32 -13.56 17.19
C ILE B 99 5.76 -14.64 16.19
N ALA B 100 5.04 -15.76 16.18
CA ALA B 100 5.38 -16.90 15.33
C ALA B 100 4.87 -16.77 13.90
N ASN B 101 3.62 -16.32 13.77
CA ASN B 101 2.90 -16.41 12.50
C ASN B 101 2.26 -15.07 12.06
N PRO B 102 3.06 -14.15 11.48
CA PRO B 102 2.52 -12.86 11.04
C PRO B 102 1.29 -12.95 10.11
N ILE B 103 1.22 -13.99 9.28
CA ILE B 103 0.05 -14.21 8.43
C ILE B 103 -1.22 -14.45 9.25
N LYS B 104 -1.08 -15.19 10.35
CA LYS B 104 -2.19 -15.45 11.27
C LYS B 104 -2.66 -14.17 11.92
N LEU B 105 -1.71 -13.27 12.19
CA LEU B 105 -2.01 -11.88 12.57
C LEU B 105 -2.73 -11.13 11.45
N ALA B 106 -2.27 -11.26 10.20
CA ALA B 106 -2.98 -10.61 9.09
C ALA B 106 -4.47 -11.04 8.95
N ARG B 107 -4.77 -12.33 9.18
CA ARG B 107 -6.17 -12.77 9.12
C ARG B 107 -7.01 -12.20 10.28
N LEU B 108 -6.44 -12.12 11.49
CA LEU B 108 -7.17 -11.50 12.62
C LEU B 108 -7.49 -10.00 12.41
N VAL B 109 -6.65 -9.31 11.64
CA VAL B 109 -6.99 -7.94 11.16
C VAL B 109 -8.21 -7.97 10.22
N MET B 110 -8.18 -8.87 9.25
CA MET B 110 -9.32 -9.11 8.37
C MET B 110 -10.57 -9.44 9.18
N GLU B 111 -10.47 -10.48 9.99
CA GLU B 111 -11.68 -11.11 10.55
C GLU B 111 -12.28 -10.48 11.80
N LYS B 112 -11.50 -9.65 12.51
CA LYS B 112 -11.88 -9.24 13.87
C LYS B 112 -11.54 -7.78 14.26
N THR B 113 -11.24 -6.96 13.26
CA THR B 113 -11.14 -5.50 13.42
C THR B 113 -11.81 -4.83 12.22
N PRO B 114 -12.46 -3.66 12.42
CA PRO B 114 -12.97 -2.92 11.27
C PRO B 114 -11.88 -2.15 10.48
N HIS B 115 -10.62 -2.58 10.62
CA HIS B 115 -9.51 -1.99 9.87
C HIS B 115 -8.82 -3.05 8.99
N CYS B 116 -7.97 -2.62 8.06
CA CYS B 116 -7.28 -3.51 7.12
CA CYS B 116 -7.29 -3.60 7.23
C CYS B 116 -5.78 -3.63 7.40
N PHE B 117 -5.22 -2.63 8.08
CA PHE B 117 -3.78 -2.51 8.23
C PHE B 117 -3.38 -2.13 9.66
N LEU B 118 -2.48 -2.91 10.27
CA LEU B 118 -1.94 -2.54 11.58
C LEU B 118 -0.42 -2.59 11.54
N THR B 119 0.23 -1.82 12.43
CA THR B 119 1.72 -1.70 12.37
C THR B 119 2.47 -1.76 13.72
N ASP B 120 3.71 -2.26 13.67
CA ASP B 120 4.75 -2.08 14.70
C ASP B 120 4.30 -2.38 16.15
N GLN B 121 4.18 -1.34 16.98
CA GLN B 121 3.84 -1.53 18.39
C GLN B 121 2.35 -1.77 18.55
N GLY B 122 1.58 -1.21 17.62
CA GLY B 122 0.12 -1.36 17.60
C GLY B 122 -0.30 -2.71 17.07
N ALA B 123 0.55 -3.34 16.28
CA ALA B 123 0.33 -4.71 15.84
C ALA B 123 0.61 -5.69 16.97
N ALA B 124 1.73 -5.47 17.67
CA ALA B 124 2.13 -6.28 18.84
C ALA B 124 1.13 -6.15 20.00
N GLN B 125 0.59 -4.95 20.17
CA GLN B 125 -0.47 -4.70 21.16
C GLN B 125 -1.71 -5.52 20.85
N PHE B 126 -2.18 -5.48 19.60
CA PHE B 126 -3.37 -6.22 19.18
C PHE B 126 -3.16 -7.74 19.33
N ALA B 127 -1.96 -8.21 18.98
CA ALA B 127 -1.60 -9.62 19.09
C ALA B 127 -1.67 -10.14 20.52
N ALA B 128 -1.04 -9.42 21.44
CA ALA B 128 -1.13 -9.71 22.86
C ALA B 128 -2.60 -9.73 23.29
N ALA B 129 -3.44 -8.91 22.64
CA ALA B 129 -4.87 -8.86 22.95
C ALA B 129 -5.75 -9.93 22.28
N MET B 130 -5.22 -10.66 21.31
CA MET B 130 -5.93 -11.82 20.76
C MET B 130 -5.27 -13.14 21.19
N GLY B 131 -4.43 -13.06 22.22
CA GLY B 131 -3.78 -14.24 22.79
C GLY B 131 -2.72 -14.90 21.93
N VAL B 132 -2.31 -14.22 20.87
CA VAL B 132 -1.15 -14.65 20.09
C VAL B 132 0.03 -14.70 21.06
N PRO B 133 0.79 -15.81 21.04
CA PRO B 133 1.98 -15.94 21.87
C PRO B 133 3.03 -14.87 21.59
N GLU B 134 3.52 -14.26 22.67
CA GLU B 134 4.60 -13.29 22.64
C GLU B 134 5.89 -14.05 22.91
N ILE B 135 6.53 -14.54 21.85
CA ILE B 135 7.68 -15.46 21.97
C ILE B 135 9.05 -14.75 22.08
N PRO B 136 10.12 -15.47 22.51
CA PRO B 136 11.46 -14.88 22.53
C PRO B 136 11.95 -14.55 21.13
N GLY B 137 12.57 -13.39 20.98
CA GLY B 137 12.96 -12.86 19.65
C GLY B 137 14.00 -13.69 18.93
N GLU B 138 15.05 -14.10 19.64
CA GLU B 138 16.15 -14.89 19.04
C GLU B 138 15.75 -16.25 18.45
N LYS B 139 14.55 -16.71 18.77
CA LYS B 139 14.06 -18.00 18.24
C LYS B 139 13.63 -17.89 16.77
N LEU B 140 13.36 -16.66 16.33
CA LEU B 140 13.12 -16.39 14.91
C LEU B 140 14.43 -16.19 14.14
N VAL B 141 15.52 -15.96 14.87
CA VAL B 141 16.83 -15.72 14.28
C VAL B 141 17.60 -17.01 14.05
N THR B 142 18.09 -17.23 12.83
CA THR B 142 18.94 -18.40 12.55
C THR B 142 20.39 -17.99 12.43
N GLU B 143 21.28 -18.96 12.57
CA GLU B 143 22.72 -18.71 12.44
C GLU B 143 23.11 -17.99 11.13
N ARG B 144 22.56 -18.48 10.02
CA ARG B 144 22.78 -17.90 8.69
C ARG B 144 22.48 -16.41 8.59
N ASN B 145 21.36 -15.97 9.15
CA ASN B 145 20.95 -14.58 9.03
C ASN B 145 21.83 -13.61 9.81
N LYS B 146 22.39 -14.10 10.92
CA LYS B 146 23.49 -13.42 11.63
C LYS B 146 24.71 -13.28 10.71
N LYS B 147 25.00 -14.31 9.90
CA LYS B 147 26.15 -14.27 8.99
C LYS B 147 26.00 -13.36 7.77
N ARG B 148 24.78 -13.29 7.21
CA ARG B 148 24.50 -12.39 6.08
C ARG B 148 24.56 -10.93 6.50
N LEU B 149 24.12 -10.65 7.72
CA LEU B 149 24.09 -9.29 8.24
C LEU B 149 25.50 -8.73 8.47
N GLU B 150 26.43 -9.61 8.84
CA GLU B 150 27.82 -9.24 9.06
C GLU B 150 28.56 -9.08 7.74
N LYS B 151 28.28 -9.97 6.79
CA LYS B 151 28.83 -9.86 5.45
C LYS B 151 28.48 -8.48 4.87
N GLU B 152 27.19 -8.17 4.82
CA GLU B 152 26.70 -6.86 4.37
C GLU B 152 27.25 -5.70 5.22
N LYS B 153 27.31 -5.91 6.54
CA LYS B 153 27.83 -4.88 7.45
C LYS B 153 29.35 -4.71 7.38
N HIS B 154 30.02 -5.63 6.70
CA HIS B 154 31.46 -5.49 6.43
C HIS B 154 31.84 -5.71 4.98
N GLN B 164 20.95 -9.28 -5.91
CA GLN B 164 22.26 -9.89 -5.66
C GLN B 164 22.15 -11.35 -5.22
N LYS B 165 21.22 -11.61 -4.31
CA LYS B 165 21.13 -12.88 -3.58
C LYS B 165 19.68 -13.41 -3.56
N ASN B 166 19.47 -14.62 -3.04
CA ASN B 166 18.13 -15.20 -2.94
C ASN B 166 17.62 -15.24 -1.50
N LEU B 167 16.85 -14.23 -1.11
CA LEU B 167 16.20 -14.18 0.19
C LEU B 167 14.73 -14.55 0.02
N GLY B 168 14.43 -15.83 0.23
CA GLY B 168 13.13 -16.41 -0.09
C GLY B 168 11.89 -15.90 0.62
N THR B 169 11.39 -14.74 0.15
CA THR B 169 10.09 -14.15 0.53
C THR B 169 8.91 -14.95 -0.07
N VAL B 170 7.86 -15.22 0.72
CA VAL B 170 6.88 -16.29 0.39
C VAL B 170 5.40 -15.92 0.15
N GLY B 171 4.68 -16.75 -0.61
CA GLY B 171 3.26 -16.50 -0.79
C GLY B 171 2.45 -17.59 -1.46
N ALA B 172 1.14 -17.36 -1.53
CA ALA B 172 0.25 -18.35 -2.11
C ALA B 172 -1.00 -17.72 -2.71
N VAL B 173 -1.53 -18.31 -3.77
CA VAL B 173 -2.83 -17.96 -4.30
C VAL B 173 -3.66 -19.24 -4.37
N ALA B 174 -4.98 -19.12 -4.35
CA ALA B 174 -5.84 -20.29 -4.50
C ALA B 174 -7.23 -19.93 -5.01
N LEU B 175 -7.78 -20.83 -5.83
CA LEU B 175 -9.19 -20.83 -6.22
C LEU B 175 -9.82 -22.06 -5.56
N ASP B 176 -10.87 -21.84 -4.77
CA ASP B 176 -11.54 -22.95 -4.08
C ASP B 176 -12.65 -23.58 -4.92
N CYS B 177 -13.24 -24.65 -4.38
CA CYS B 177 -14.38 -25.33 -4.99
C CYS B 177 -15.71 -24.54 -4.89
N LYS B 178 -15.62 -23.25 -4.57
CA LYS B 178 -16.81 -22.36 -4.63
C LYS B 178 -16.53 -21.19 -5.57
N GLY B 179 -15.37 -21.22 -6.22
CA GLY B 179 -15.02 -20.13 -7.11
C GLY B 179 -14.38 -18.93 -6.44
N ASN B 180 -14.19 -18.96 -5.11
CA ASN B 180 -13.46 -17.86 -4.46
C ASN B 180 -11.95 -17.92 -4.79
N VAL B 181 -11.31 -16.75 -4.88
CA VAL B 181 -9.83 -16.63 -4.90
C VAL B 181 -9.33 -15.85 -3.69
N ALA B 182 -8.07 -16.06 -3.29
CA ALA B 182 -7.43 -15.39 -2.14
C ALA B 182 -5.93 -15.39 -2.34
N TYR B 183 -5.24 -14.36 -1.85
CA TYR B 183 -3.77 -14.41 -1.80
C TYR B 183 -3.31 -14.23 -0.36
N ALA B 184 -2.14 -14.78 -0.07
CA ALA B 184 -1.42 -14.46 1.14
C ALA B 184 0.04 -14.30 0.79
N THR B 185 0.73 -13.38 1.48
CA THR B 185 2.16 -13.10 1.29
C THR B 185 2.74 -12.75 2.65
N SER B 186 4.00 -13.11 2.88
CA SER B 186 4.66 -12.86 4.14
C SER B 186 6.19 -12.84 3.98
N THR B 187 6.87 -12.05 4.82
CA THR B 187 8.31 -11.76 4.66
C THR B 187 9.03 -11.21 5.91
N GLY B 188 10.36 -11.32 5.95
CA GLY B 188 11.16 -10.48 6.84
C GLY B 188 11.74 -9.27 6.07
N GLY B 189 11.56 -9.24 4.76
CA GLY B 189 12.08 -8.15 3.92
C GLY B 189 13.50 -8.38 3.43
N ILE B 190 14.36 -7.39 3.63
CA ILE B 190 15.70 -7.34 2.97
C ILE B 190 16.79 -7.05 4.03
N VAL B 191 17.87 -7.84 4.03
CA VAL B 191 18.94 -7.70 5.06
C VAL B 191 19.45 -6.26 5.31
N ASN B 192 19.83 -5.98 6.56
CA ASN B 192 20.41 -4.69 6.93
C ASN B 192 19.45 -3.53 6.68
N LYS B 193 18.16 -3.85 6.60
CA LYS B 193 17.17 -2.80 6.27
C LYS B 193 17.12 -1.76 7.40
N MET B 194 16.68 -0.56 7.08
CA MET B 194 16.40 0.45 8.11
C MET B 194 15.30 -0.06 9.03
N VAL B 195 15.41 0.27 10.32
CA VAL B 195 14.39 -0.06 11.30
C VAL B 195 13.08 0.57 10.82
N GLY B 196 11.99 -0.18 10.94
CA GLY B 196 10.66 0.30 10.55
C GLY B 196 10.43 0.41 9.05
N ARG B 197 11.28 -0.24 8.25
CA ARG B 197 11.03 -0.32 6.81
C ARG B 197 9.79 -1.17 6.51
N VAL B 198 8.94 -0.67 5.61
CA VAL B 198 7.83 -1.45 5.04
C VAL B 198 8.11 -1.69 3.57
N GLY B 199 7.94 -2.93 3.13
CA GLY B 199 8.07 -3.28 1.72
C GLY B 199 6.72 -3.45 1.06
N ASP B 200 6.67 -4.27 0.02
CA ASP B 200 5.48 -4.43 -0.79
C ASP B 200 4.47 -5.41 -0.17
N SER B 201 5.01 -6.41 0.53
CA SER B 201 4.27 -7.58 0.99
C SER B 201 3.03 -7.33 1.86
N PRO B 202 2.99 -6.22 2.63
CA PRO B 202 1.76 -5.99 3.41
C PRO B 202 0.79 -5.07 2.68
N CYS B 203 1.21 -4.56 1.52
CA CYS B 203 0.48 -3.53 0.79
C CYS B 203 -0.41 -4.16 -0.28
N LEU B 204 -1.67 -3.72 -0.32
CA LEU B 204 -2.67 -4.24 -1.24
C LEU B 204 -2.52 -3.66 -2.63
N GLY B 205 -2.47 -4.55 -3.61
CA GLY B 205 -2.23 -4.17 -4.99
C GLY B 205 -0.77 -4.24 -5.36
N ALA B 206 0.09 -4.47 -4.36
CA ALA B 206 1.54 -4.53 -4.55
C ALA B 206 2.11 -5.94 -4.34
N GLY B 207 2.18 -6.38 -3.08
CA GLY B 207 2.59 -7.74 -2.72
C GLY B 207 1.57 -8.82 -3.08
N GLY B 208 0.34 -8.39 -3.35
CA GLY B 208 -0.71 -9.29 -3.84
C GLY B 208 -2.00 -8.52 -4.10
N TYR B 209 -2.97 -9.20 -4.70
CA TYR B 209 -4.33 -8.70 -4.87
C TYR B 209 -5.17 -9.93 -5.22
N ALA B 210 -6.42 -9.94 -4.78
CA ALA B 210 -7.31 -11.05 -5.06
C ALA B 210 -8.67 -10.44 -5.32
N ASP B 211 -9.33 -10.94 -6.36
CA ASP B 211 -10.61 -10.43 -6.81
C ASP B 211 -11.29 -11.54 -7.57
N ASN B 212 -12.44 -11.98 -7.06
CA ASN B 212 -13.28 -13.01 -7.69
C ASN B 212 -13.72 -12.66 -9.11
N ASP B 213 -13.81 -11.36 -9.42
CA ASP B 213 -14.16 -10.96 -10.77
C ASP B 213 -12.98 -11.02 -11.74
N ILE B 214 -11.76 -11.14 -11.21
CA ILE B 214 -10.57 -11.33 -12.04
C ILE B 214 -9.82 -12.61 -11.64
N GLY B 215 -9.14 -12.57 -10.50
CA GLY B 215 -8.35 -13.68 -9.99
C GLY B 215 -7.49 -13.19 -8.85
N ALA B 216 -6.42 -13.92 -8.58
CA ALA B 216 -5.51 -13.59 -7.46
C ALA B 216 -4.03 -13.73 -7.84
N VAL B 217 -3.20 -12.90 -7.19
CA VAL B 217 -1.77 -12.77 -7.47
C VAL B 217 -1.04 -12.55 -6.16
N SER B 218 0.16 -13.12 -6.02
CA SER B 218 1.11 -12.78 -4.96
C SER B 218 2.47 -12.57 -5.62
N THR B 219 3.34 -11.75 -5.00
CA THR B 219 4.61 -11.33 -5.64
C THR B 219 5.88 -11.49 -4.78
N THR B 220 7.03 -11.32 -5.43
CA THR B 220 8.34 -11.44 -4.79
C THR B 220 9.41 -10.66 -5.58
N GLY B 221 10.45 -10.17 -4.91
CA GLY B 221 11.53 -9.41 -5.57
C GLY B 221 11.84 -8.10 -4.89
N HIS B 222 12.34 -7.11 -5.65
CA HIS B 222 12.65 -5.80 -5.07
C HIS B 222 11.37 -5.12 -4.58
N GLY B 223 11.23 -4.97 -3.26
CA GLY B 223 9.97 -4.49 -2.65
C GLY B 223 9.56 -3.04 -2.93
N GLU B 224 10.53 -2.13 -2.90
CA GLU B 224 10.29 -0.74 -3.35
C GLU B 224 9.85 -0.73 -4.81
N SER B 225 10.43 -1.62 -5.61
CA SER B 225 10.10 -1.72 -7.04
C SER B 225 8.71 -2.27 -7.31
N ILE B 226 8.30 -3.26 -6.51
CA ILE B 226 6.97 -3.86 -6.61
C ILE B 226 5.89 -2.83 -6.18
N LEU B 227 6.17 -2.09 -5.11
CA LEU B 227 5.34 -0.93 -4.69
C LEU B 227 5.20 0.16 -5.75
N LYS B 228 6.33 0.73 -6.20
CA LYS B 228 6.26 1.87 -7.12
C LYS B 228 5.32 1.58 -8.27
N VAL B 229 5.35 0.34 -8.75
CA VAL B 229 4.56 -0.02 -9.93
C VAL B 229 3.25 -0.78 -9.66
N ASN B 230 2.87 -0.89 -8.39
CA ASN B 230 1.66 -1.62 -7.96
C ASN B 230 1.51 -2.96 -8.70
N LEU B 231 2.50 -3.84 -8.54
CA LEU B 231 2.68 -4.96 -9.46
C LEU B 231 1.50 -5.94 -9.59
N ALA B 232 1.09 -6.53 -8.47
CA ALA B 232 -0.02 -7.45 -8.43
C ALA B 232 -1.32 -6.94 -9.11
N ARG B 233 -1.83 -5.76 -8.72
CA ARG B 233 -3.04 -5.19 -9.33
C ARG B 233 -2.83 -4.88 -10.83
N LEU B 234 -1.62 -4.43 -11.19
CA LEU B 234 -1.20 -4.29 -12.61
C LEU B 234 -1.41 -5.58 -13.41
N THR B 235 -0.80 -6.66 -12.93
CA THR B 235 -0.98 -8.00 -13.49
C THR B 235 -2.46 -8.28 -13.78
N LEU B 236 -3.35 -7.83 -12.89
CA LEU B 236 -4.76 -8.12 -13.05
C LEU B 236 -5.45 -7.26 -14.11
N PHE B 237 -4.96 -6.02 -14.27
CA PHE B 237 -5.44 -5.11 -15.32
CA PHE B 237 -5.46 -5.13 -15.30
C PHE B 237 -5.31 -5.74 -16.72
N HIS B 238 -4.19 -6.39 -16.99
CA HIS B 238 -4.05 -7.09 -18.28
C HIS B 238 -5.05 -8.24 -18.43
N ILE B 239 -5.26 -9.02 -17.36
CA ILE B 239 -6.24 -10.12 -17.40
C ILE B 239 -7.66 -9.55 -17.54
N GLU B 240 -7.82 -8.28 -17.17
CA GLU B 240 -9.07 -7.49 -17.37
C GLU B 240 -9.26 -7.09 -18.83
N GLN B 241 -8.17 -7.07 -19.59
CA GLN B 241 -8.25 -6.75 -21.01
C GLN B 241 -8.26 -8.00 -21.89
N GLY B 242 -8.15 -9.18 -21.28
CA GLY B 242 -8.36 -10.45 -22.00
C GLY B 242 -7.09 -11.23 -22.31
N LYS B 243 -5.96 -10.61 -22.02
CA LYS B 243 -4.67 -11.28 -22.13
C LYS B 243 -4.62 -12.51 -21.23
N THR B 244 -4.15 -13.63 -21.76
CA THR B 244 -3.94 -14.84 -20.95
C THR B 244 -3.21 -14.48 -19.65
N VAL B 245 -3.19 -15.41 -18.70
CA VAL B 245 -2.46 -15.15 -17.47
C VAL B 245 -0.95 -15.06 -17.76
N GLU B 246 -0.44 -15.79 -18.75
CA GLU B 246 1.00 -15.72 -19.06
C GLU B 246 1.46 -14.38 -19.66
N GLU B 247 0.82 -13.94 -20.75
CA GLU B 247 1.07 -12.62 -21.34
C GLU B 247 0.95 -11.50 -20.27
N ALA B 248 -0.08 -11.57 -19.42
CA ALA B 248 -0.28 -10.61 -18.33
C ALA B 248 0.88 -10.53 -17.34
N ALA B 249 1.37 -11.71 -16.91
CA ALA B 249 2.54 -11.78 -16.06
C ALA B 249 3.77 -11.30 -16.83
N ASP B 250 3.78 -11.56 -18.13
CA ASP B 250 4.86 -11.08 -18.99
C ASP B 250 4.84 -9.55 -19.02
N LEU B 251 3.66 -8.98 -19.23
CA LEU B 251 3.56 -7.53 -19.42
C LEU B 251 3.89 -6.76 -18.14
N SER B 252 3.37 -7.21 -17.00
CA SER B 252 3.61 -6.53 -15.71
C SER B 252 5.07 -6.64 -15.18
N LEU B 253 5.66 -7.82 -15.27
CA LEU B 253 7.08 -8.02 -14.89
C LEU B 253 8.08 -7.22 -15.77
N GLY B 254 7.89 -7.29 -17.09
CA GLY B 254 8.68 -6.49 -18.05
C GLY B 254 8.53 -4.98 -17.88
N TYR B 255 7.34 -4.53 -17.50
CA TYR B 255 7.12 -3.11 -17.21
C TYR B 255 7.84 -2.64 -15.95
N MET B 256 7.77 -3.42 -14.87
CA MET B 256 8.53 -3.10 -13.68
C MET B 256 10.01 -3.06 -14.08
N LYS B 257 10.44 -4.05 -14.87
CA LYS B 257 11.81 -4.03 -15.44
C LYS B 257 12.16 -2.76 -16.25
N SER B 258 11.45 -2.48 -17.34
CA SER B 258 11.77 -1.29 -18.16
C SER B 258 11.69 0.05 -17.40
N ARG B 259 10.67 0.22 -16.56
CA ARG B 259 10.41 1.53 -15.92
C ARG B 259 11.28 1.82 -14.69
N VAL B 260 11.39 0.88 -13.77
CA VAL B 260 12.05 1.17 -12.51
C VAL B 260 13.26 0.29 -12.25
N LYS B 261 13.58 -0.57 -13.23
CA LYS B 261 14.78 -1.40 -13.21
C LYS B 261 14.72 -2.58 -12.24
N GLY B 262 13.49 -2.95 -11.85
CA GLY B 262 13.24 -3.99 -10.87
C GLY B 262 13.09 -5.39 -11.44
N LEU B 263 13.72 -6.36 -10.76
CA LEU B 263 13.50 -7.77 -11.08
C LEU B 263 12.62 -8.39 -10.02
N GLY B 264 11.81 -9.34 -10.45
CA GLY B 264 10.84 -9.96 -9.56
C GLY B 264 10.24 -11.22 -10.15
N GLY B 265 9.12 -11.62 -9.58
CA GLY B 265 8.45 -12.86 -9.94
C GLY B 265 7.02 -12.87 -9.44
N LEU B 266 6.23 -13.84 -9.88
CA LEU B 266 4.85 -13.92 -9.40
C LEU B 266 4.11 -15.19 -9.81
N ILE B 267 3.14 -15.53 -8.96
CA ILE B 267 2.20 -16.59 -9.23
C ILE B 267 0.84 -15.89 -9.41
N VAL B 268 -0.01 -16.46 -10.26
CA VAL B 268 -1.34 -15.92 -10.53
C VAL B 268 -2.33 -17.02 -10.93
N VAL B 269 -3.54 -16.94 -10.40
CA VAL B 269 -4.63 -17.84 -10.82
C VAL B 269 -5.83 -16.98 -11.20
N SER B 270 -6.46 -17.31 -12.33
CA SER B 270 -7.64 -16.57 -12.80
C SER B 270 -8.94 -17.16 -12.26
N LYS B 271 -10.04 -16.47 -12.51
CA LYS B 271 -11.38 -16.95 -12.14
C LYS B 271 -11.80 -18.21 -12.89
N THR B 272 -11.24 -18.45 -14.08
CA THR B 272 -11.50 -19.71 -14.80
C THR B 272 -10.75 -20.91 -14.20
N GLY B 273 -9.71 -20.63 -13.40
CA GLY B 273 -8.85 -21.67 -12.84
C GLY B 273 -7.60 -21.89 -13.66
N ASP B 274 -7.22 -20.89 -14.46
CA ASP B 274 -5.96 -20.93 -15.20
C ASP B 274 -4.84 -20.27 -14.38
N TRP B 275 -3.59 -20.71 -14.57
CA TRP B 275 -2.51 -20.31 -13.66
C TRP B 275 -1.12 -20.39 -14.26
N VAL B 276 -0.20 -19.61 -13.69
CA VAL B 276 1.21 -19.66 -14.07
C VAL B 276 2.10 -19.11 -12.97
N ALA B 277 3.33 -19.59 -12.92
CA ALA B 277 4.38 -18.94 -12.17
C ALA B 277 5.43 -18.40 -13.15
N LYS B 278 5.70 -17.10 -13.08
CA LYS B 278 6.60 -16.43 -14.01
C LYS B 278 7.58 -15.55 -13.25
N TRP B 279 8.79 -15.38 -13.79
CA TRP B 279 9.79 -14.48 -13.20
C TRP B 279 10.84 -13.95 -14.18
N THR B 280 11.47 -12.85 -13.78
CA THR B 280 12.48 -12.15 -14.58
C THR B 280 13.84 -12.17 -13.87
N SER B 281 13.84 -12.52 -12.59
CA SER B 281 15.08 -12.79 -11.88
C SER B 281 15.58 -14.16 -12.34
N THR B 282 16.75 -14.57 -11.85
CA THR B 282 17.34 -15.83 -12.35
C THR B 282 16.68 -17.14 -11.88
N SER B 283 16.14 -17.10 -10.66
CA SER B 283 15.41 -18.24 -10.07
CA SER B 283 15.43 -18.24 -10.03
C SER B 283 14.19 -17.75 -9.29
N MET B 284 13.27 -18.67 -9.00
CA MET B 284 12.06 -18.46 -8.15
C MET B 284 11.35 -19.79 -7.85
N PRO B 285 11.70 -20.45 -6.73
CA PRO B 285 11.04 -21.71 -6.43
C PRO B 285 9.53 -21.56 -6.26
N TRP B 286 8.78 -22.52 -6.81
CA TRP B 286 7.33 -22.43 -6.84
C TRP B 286 6.75 -23.84 -6.91
N ALA B 287 5.49 -23.98 -6.52
CA ALA B 287 4.81 -25.27 -6.67
C ALA B 287 3.32 -25.00 -6.82
N ALA B 288 2.61 -25.89 -7.52
CA ALA B 288 1.16 -25.74 -7.65
C ALA B 288 0.46 -27.09 -7.57
N ALA B 289 -0.77 -27.07 -7.06
CA ALA B 289 -1.56 -28.28 -6.90
C ALA B 289 -2.81 -28.14 -7.72
N LYS B 290 -3.06 -29.12 -8.58
CA LYS B 290 -4.23 -29.08 -9.45
C LYS B 290 -4.53 -30.45 -10.05
N ASP B 291 -5.78 -30.89 -9.90
CA ASP B 291 -6.26 -32.19 -10.41
C ASP B 291 -5.55 -33.38 -9.77
N GLY B 292 -5.22 -33.26 -8.49
CA GLY B 292 -4.48 -34.33 -7.80
C GLY B 292 -3.01 -34.43 -8.19
N LYS B 293 -2.54 -33.50 -9.03
CA LYS B 293 -1.13 -33.48 -9.44
C LYS B 293 -0.35 -32.29 -8.87
N LEU B 294 0.94 -32.50 -8.60
CA LEU B 294 1.75 -31.49 -7.95
C LEU B 294 2.99 -31.12 -8.76
N HIS B 295 3.04 -29.85 -9.15
CA HIS B 295 4.10 -29.30 -9.98
C HIS B 295 5.13 -28.58 -9.12
N PHE B 296 6.42 -28.77 -9.41
CA PHE B 296 7.47 -28.02 -8.74
C PHE B 296 8.54 -27.53 -9.70
N GLY B 297 9.08 -26.34 -9.42
CA GLY B 297 10.22 -25.79 -10.17
C GLY B 297 11.04 -24.81 -9.36
N ILE B 298 12.21 -24.44 -9.91
CA ILE B 298 13.04 -23.37 -9.34
C ILE B 298 13.57 -22.49 -10.46
N ASP B 299 13.91 -23.12 -11.59
CA ASP B 299 14.42 -22.44 -12.78
C ASP B 299 13.50 -22.62 -13.98
N PRO B 300 13.64 -21.76 -15.01
CA PRO B 300 12.86 -21.92 -16.25
C PRO B 300 13.36 -23.10 -17.07
N ASP B 301 12.47 -23.69 -17.88
CA ASP B 301 12.77 -24.91 -18.66
C ASP B 301 12.79 -26.20 -17.83
N ASP B 302 12.94 -26.07 -16.51
CA ASP B 302 13.22 -27.20 -15.63
C ASP B 302 12.08 -27.48 -14.63
N THR B 303 10.95 -28.01 -15.13
CA THR B 303 9.75 -28.25 -14.30
C THR B 303 9.47 -29.75 -14.08
N THR B 304 9.01 -30.11 -12.89
CA THR B 304 8.66 -31.51 -12.58
C THR B 304 7.23 -31.69 -12.08
N ILE B 305 6.60 -32.76 -12.57
CA ILE B 305 5.19 -33.02 -12.34
C ILE B 305 5.00 -34.44 -11.80
N THR B 306 4.63 -34.55 -10.52
CA THR B 306 4.43 -35.85 -9.86
C THR B 306 3.07 -35.99 -9.16
N ASP B 307 2.65 -37.23 -8.92
CA ASP B 307 1.33 -37.49 -8.33
C ASP B 307 1.25 -37.06 -6.87
N LEU B 308 0.13 -36.44 -6.52
CA LEU B 308 -0.15 -36.09 -5.13
C LEU B 308 -1.37 -36.90 -4.70
N PRO B 309 -1.12 -38.14 -4.21
CA PRO B 309 -2.12 -39.19 -3.98
C PRO B 309 -3.27 -38.78 -3.08
NA NA C . -3.70 20.68 10.41
N GLY D . -8.49 8.58 3.96
CA GLY D . -7.59 8.88 5.12
C GLY D . -7.71 7.87 6.25
O GLY D . -8.80 7.37 6.54
OXT GLY D . -6.73 7.53 6.91
N GLY E . -11.05 13.92 6.54
CA GLY E . -11.89 13.02 5.70
C GLY E . -11.14 11.72 5.53
O GLY E . -10.51 11.26 6.47
OXT GLY E . -11.11 11.12 4.45
N GLY F . 14.09 6.30 -1.72
CA GLY F . 12.78 6.27 -2.44
C GLY F . 12.86 5.60 -3.79
O GLY F . 13.62 4.65 -4.00
OXT GLY F . 12.14 5.99 -4.71
NA NA G . 10.31 -19.27 7.54
N GLY H . -11.80 -5.97 8.72
CA GLY H . -11.26 -5.48 7.42
C GLY H . -11.86 -6.16 6.21
O GLY H . -12.80 -6.94 6.31
OXT GLY H . -11.40 -5.92 5.08
N GLY I . 9.42 -8.29 -1.90
CA GLY I . 10.14 -8.39 -0.59
C GLY I . 10.32 -7.03 0.06
O GLY I . 9.60 -6.66 0.99
OXT GLY I . 11.21 -6.25 -0.33
#